data_3CBB
#
_entry.id   3CBB
#
_cell.length_a   121.628
_cell.length_b   35.425
_cell.length_c   70.985
_cell.angle_alpha   90.000
_cell.angle_beta   119.360
_cell.angle_gamma   90.000
#
_symmetry.space_group_name_H-M   'C 1 2 1'
#
loop_
_entity.id
_entity.type
_entity.pdbx_description
1 polymer 'Hepatocyte Nuclear Factor 4-alpha promoter element DNA'
2 polymer 'Hepatocyte Nuclear Factor 4-alpha promoter element DNA'
3 polymer 'Hepatocyte Nuclear Factor 4-alpha, DNA binding domain'
4 non-polymer 'ZINC ION'
5 water water
#
loop_
_entity_poly.entity_id
_entity_poly.type
_entity_poly.pdbx_seq_one_letter_code
_entity_poly.pdbx_strand_id
1 'polydeoxyribonucleotide'
;(DT)(DG)(DA)(DA)(DG)(DT)(DC)(DC)(DA)(DA)(DA)(DG)(DT)(DT)(DC)(DA)(DG)(DT)(DC)(DC)
(DC)
;
C
2 'polydeoxyribonucleotide'
;(DA)(DG)(DG)(DG)(DA)(DC)(DT)(DG)(DA)(DA)(DC)(DT)(DT)(DT)(DG)(DG)(DA)(DC)(DT)(DT)
(DC)
;
D
3 'polypeptide(L)' ALCAICGDRATGKHYGASSCDGCKGFFRRSVRKNHMYSCRFSRQCVVDKDKRNQCRYCRLKKCFRAGMKKEAVQNERD A,B
#
loop_
_chem_comp.id
_chem_comp.type
_chem_comp.name
_chem_comp.formula
DA DNA linking 2'-DEOXYADENOSINE-5'-MONOPHOSPHATE 'C10 H14 N5 O6 P'
DC DNA linking 2'-DEOXYCYTIDINE-5'-MONOPHOSPHATE 'C9 H14 N3 O7 P'
DG DNA linking 2'-DEOXYGUANOSINE-5'-MONOPHOSPHATE 'C10 H14 N5 O7 P'
DT DNA linking THYMIDINE-5'-MONOPHOSPHATE 'C10 H15 N2 O8 P'
ZN non-polymer 'ZINC ION' 'Zn 2'
#
# COMPACT_ATOMS: atom_id res chain seq x y z
N ALA C 1 -11.79 -20.66 8.60
CA ALA C 1 -11.09 -20.08 9.80
C ALA C 1 -10.62 -18.67 9.49
N LEU C 2 -10.90 -17.73 10.39
CA LEU C 2 -10.49 -16.35 10.20
C LEU C 2 -9.29 -15.98 11.04
N CYS C 3 -8.60 -14.93 10.62
CA CYS C 3 -7.43 -14.49 11.35
C CYS C 3 -7.89 -13.89 12.69
N ALA C 4 -7.35 -14.41 13.78
CA ALA C 4 -7.71 -13.94 15.12
C ALA C 4 -7.29 -12.50 15.34
N ILE C 5 -6.46 -11.97 14.45
CA ILE C 5 -6.01 -10.60 14.59
C ILE C 5 -6.82 -9.62 13.75
N CYS C 6 -6.89 -9.84 12.44
CA CYS C 6 -7.59 -8.89 11.59
C CYS C 6 -8.88 -9.37 10.95
N GLY C 7 -9.21 -10.65 11.08
CA GLY C 7 -10.44 -11.16 10.50
C GLY C 7 -10.30 -11.67 9.08
N ASP C 8 -9.15 -11.44 8.46
CA ASP C 8 -8.90 -11.90 7.10
C ASP C 8 -8.85 -13.43 7.12
N ARG C 9 -8.71 -14.05 5.95
CA ARG C 9 -8.66 -15.52 5.87
C ARG C 9 -7.40 -16.05 6.56
N ALA C 10 -7.58 -17.01 7.46
CA ALA C 10 -6.45 -17.59 8.17
C ALA C 10 -5.79 -18.70 7.35
N THR C 11 -4.47 -18.81 7.47
CA THR C 11 -3.73 -19.83 6.72
C THR C 11 -3.14 -20.88 7.66
N GLY C 12 -3.63 -20.91 8.89
CA GLY C 12 -3.15 -21.88 9.86
C GLY C 12 -2.60 -21.20 11.09
N LYS C 13 -2.01 -21.96 12.00
CA LYS C 13 -1.44 -21.38 13.21
C LYS C 13 -0.05 -20.81 12.97
N HIS C 14 0.16 -19.58 13.41
CA HIS C 14 1.46 -18.93 13.24
C HIS C 14 1.89 -18.26 14.53
N TYR C 15 3.03 -18.71 15.05
CA TYR C 15 3.62 -18.18 16.28
C TYR C 15 2.72 -18.31 17.49
N GLY C 16 1.75 -19.22 17.41
CA GLY C 16 0.85 -19.43 18.53
C GLY C 16 -0.60 -19.06 18.32
N ALA C 17 -0.93 -18.48 17.17
CA ALA C 17 -2.32 -18.11 16.91
C ALA C 17 -2.70 -18.32 15.45
N SER C 18 -3.98 -18.51 15.18
CA SER C 18 -4.44 -18.69 13.81
C SER C 18 -4.44 -17.30 13.19
N SER C 19 -3.77 -17.14 12.06
CA SER C 19 -3.67 -15.84 11.41
C SER C 19 -3.45 -15.92 9.91
N CYS C 20 -3.64 -14.78 9.24
CA CYS C 20 -3.46 -14.69 7.79
C CYS C 20 -1.96 -14.56 7.50
N ASP C 21 -1.60 -14.57 6.22
CA ASP C 21 -0.18 -14.43 5.86
C ASP C 21 0.39 -13.06 6.22
N GLY C 22 -0.48 -12.05 6.25
CA GLY C 22 -0.04 -10.71 6.59
C GLY C 22 0.36 -10.57 8.05
N CYS C 23 -0.53 -10.98 8.95
CA CYS C 23 -0.23 -10.88 10.36
C CYS C 23 0.93 -11.78 10.73
N LYS C 24 1.09 -12.86 9.97
CA LYS C 24 2.19 -13.79 10.18
C LYS C 24 3.51 -13.05 9.95
N GLY C 25 3.67 -12.47 8.76
CA GLY C 25 4.90 -11.76 8.44
C GLY C 25 5.11 -10.54 9.32
N PHE C 26 4.03 -9.81 9.58
CA PHE C 26 4.11 -8.60 10.40
C PHE C 26 4.71 -8.90 11.77
N PHE C 27 4.19 -9.95 12.41
CA PHE C 27 4.65 -10.33 13.74
C PHE C 27 6.13 -10.75 13.71
N ARG C 28 6.49 -11.63 12.79
CA ARG C 28 7.88 -12.08 12.69
C ARG C 28 8.84 -10.89 12.55
N ARG C 29 8.56 -9.99 11.61
CA ARG C 29 9.41 -8.83 11.40
C ARG C 29 9.49 -7.92 12.62
N SER C 30 8.36 -7.73 13.30
CA SER C 30 8.31 -6.89 14.48
C SER C 30 9.17 -7.46 15.60
N VAL C 31 9.03 -8.75 15.87
CA VAL C 31 9.79 -9.38 16.93
C VAL C 31 11.28 -9.39 16.63
N ARG C 32 11.66 -9.75 15.41
CA ARG C 32 13.06 -9.80 15.04
C ARG C 32 13.75 -8.43 15.17
N LYS C 33 13.00 -7.36 14.93
CA LYS C 33 13.56 -6.01 15.05
C LYS C 33 13.28 -5.44 16.44
N ASN C 34 12.64 -6.25 17.27
CA ASN C 34 12.29 -5.86 18.63
C ASN C 34 11.47 -4.57 18.68
N HIS C 35 10.61 -4.38 17.68
CA HIS C 35 9.76 -3.20 17.61
C HIS C 35 8.53 -3.32 18.48
N MET C 36 8.13 -2.20 19.09
CA MET C 36 6.93 -2.17 19.91
C MET C 36 6.01 -1.14 19.26
N TYR C 37 6.62 -0.19 18.55
CA TYR C 37 5.89 0.87 17.87
C TYR C 37 5.18 1.75 18.90
N SER C 38 4.32 2.64 18.43
CA SER C 38 3.58 3.52 19.32
C SER C 38 2.32 4.00 18.63
N CYS C 39 1.24 4.11 19.41
CA CYS C 39 -0.03 4.56 18.89
C CYS C 39 -0.16 6.06 19.10
N ARG C 40 -0.66 6.76 18.08
CA ARG C 40 -0.85 8.20 18.17
C ARG C 40 -2.24 8.55 18.67
N PHE C 41 -3.04 7.52 18.97
CA PHE C 41 -4.38 7.75 19.47
C PHE C 41 -4.56 7.21 20.89
N SER C 42 -5.59 6.39 21.10
CA SER C 42 -5.87 5.83 22.41
C SER C 42 -5.47 4.37 22.56
N ARG C 43 -4.57 3.92 21.68
CA ARG C 43 -4.10 2.54 21.71
C ARG C 43 -5.27 1.55 21.70
N GLN C 44 -6.31 1.91 20.96
CA GLN C 44 -7.51 1.09 20.82
C GLN C 44 -8.01 1.21 19.38
N CYS C 45 -7.09 1.13 18.43
CA CYS C 45 -7.45 1.25 17.02
C CYS C 45 -8.05 -0.03 16.46
N VAL C 46 -8.93 0.13 15.48
CA VAL C 46 -9.61 -0.99 14.83
C VAL C 46 -8.66 -1.74 13.91
N VAL C 47 -8.34 -2.97 14.28
CA VAL C 47 -7.43 -3.79 13.49
C VAL C 47 -8.18 -4.85 12.68
N ASP C 48 -8.69 -4.46 11.51
CA ASP C 48 -9.38 -5.42 10.65
C ASP C 48 -8.64 -5.45 9.31
N LYS C 49 -9.15 -6.25 8.37
CA LYS C 49 -8.49 -6.37 7.08
C LYS C 49 -8.11 -5.03 6.42
N ASP C 50 -9.04 -4.09 6.39
CA ASP C 50 -8.80 -2.80 5.76
C ASP C 50 -7.93 -1.80 6.53
N LYS C 51 -7.96 -1.85 7.85
CA LYS C 51 -7.19 -0.88 8.63
C LYS C 51 -5.94 -1.42 9.32
N ARG C 52 -5.69 -2.72 9.19
CA ARG C 52 -4.55 -3.33 9.87
C ARG C 52 -3.22 -2.61 9.67
N ASN C 53 -3.02 -1.97 8.52
CA ASN C 53 -1.76 -1.26 8.28
C ASN C 53 -1.78 0.20 8.77
N GLN C 54 -2.88 0.62 9.38
CA GLN C 54 -2.99 2.00 9.87
C GLN C 54 -2.27 2.26 11.19
N CYS C 55 -2.18 1.23 12.02
CA CYS C 55 -1.49 1.38 13.29
C CYS C 55 -0.74 0.13 13.64
N ARG C 56 0.58 0.17 13.49
CA ARG C 56 1.42 -0.96 13.78
C ARG C 56 1.35 -1.31 15.26
N TYR C 57 1.35 -0.30 16.12
CA TYR C 57 1.27 -0.53 17.55
C TYR C 57 0.08 -1.40 17.92
N CYS C 58 -1.11 -0.98 17.50
CA CYS C 58 -2.31 -1.74 17.80
C CYS C 58 -2.33 -3.11 17.12
N ARG C 59 -1.82 -3.19 15.89
CA ARG C 59 -1.79 -4.48 15.20
C ARG C 59 -0.93 -5.46 16.00
N LEU C 60 0.27 -5.01 16.40
CA LEU C 60 1.17 -5.87 17.16
C LEU C 60 0.57 -6.28 18.49
N LYS C 61 -0.07 -5.33 19.17
CA LYS C 61 -0.69 -5.61 20.46
C LYS C 61 -1.73 -6.71 20.32
N LYS C 62 -2.49 -6.66 19.24
CA LYS C 62 -3.52 -7.65 19.03
C LYS C 62 -2.93 -9.03 18.69
N CYS C 63 -1.75 -9.04 18.07
CA CYS C 63 -1.08 -10.31 17.75
C CYS C 63 -0.79 -11.00 19.08
N PHE C 64 -0.30 -10.23 20.06
CA PHE C 64 0.01 -10.80 21.36
C PHE C 64 -1.30 -11.22 22.06
N ARG C 65 -2.35 -10.43 21.91
CA ARG C 65 -3.63 -10.77 22.54
C ARG C 65 -4.17 -12.07 21.96
N ALA C 66 -3.97 -12.24 20.64
CA ALA C 66 -4.44 -13.43 19.94
C ALA C 66 -3.65 -14.68 20.34
N GLY C 67 -2.50 -14.49 20.97
CA GLY C 67 -1.71 -15.64 21.40
C GLY C 67 -0.31 -15.77 20.83
N MET C 68 0.08 -14.90 19.91
CA MET C 68 1.43 -15.00 19.34
C MET C 68 2.49 -14.74 20.41
N LYS C 69 3.60 -15.48 20.33
CA LYS C 69 4.71 -15.35 21.29
C LYS C 69 6.03 -15.07 20.57
N LYS C 70 6.85 -14.19 21.16
CA LYS C 70 8.15 -13.86 20.56
C LYS C 70 8.97 -15.13 20.51
N GLU C 71 8.80 -15.93 21.54
CA GLU C 71 9.49 -17.21 21.70
C GLU C 71 9.39 -18.08 20.45
N ALA C 72 8.25 -18.02 19.77
CA ALA C 72 8.02 -18.81 18.56
C ALA C 72 8.74 -18.28 17.32
N VAL C 73 9.20 -17.02 17.37
CA VAL C 73 9.90 -16.41 16.25
C VAL C 73 11.39 -16.78 16.33
N GLN C 74 11.93 -17.27 15.21
CA GLN C 74 13.33 -17.67 15.16
C GLN C 74 14.24 -16.57 14.60
N ASN C 75 15.55 -16.71 14.81
CA ASN C 75 16.51 -15.71 14.31
C ASN C 75 16.78 -15.87 12.83
N GLU C 76 17.74 -15.08 12.35
CA GLU C 76 18.17 -15.09 10.96
C GLU C 76 17.20 -14.29 10.10
N ALA D 1 11.87 -2.69 -20.09
CA ALA D 1 10.56 -2.10 -20.51
C ALA D 1 10.51 -0.63 -20.15
N LEU D 2 9.58 0.10 -20.77
CA LEU D 2 9.45 1.53 -20.52
C LEU D 2 8.09 1.89 -19.94
N CYS D 3 7.98 3.11 -19.41
CA CYS D 3 6.74 3.58 -18.83
C CYS D 3 5.68 3.71 -19.91
N ALA D 4 4.56 3.02 -19.71
CA ALA D 4 3.47 3.05 -20.68
C ALA D 4 2.85 4.44 -20.78
N ILE D 5 3.13 5.28 -19.79
CA ILE D 5 2.58 6.63 -19.78
C ILE D 5 3.47 7.68 -20.46
N CYS D 6 4.72 7.79 -20.01
CA CYS D 6 5.61 8.82 -20.57
C CYS D 6 6.81 8.34 -21.38
N GLY D 7 7.07 7.05 -21.41
CA GLY D 7 8.20 6.56 -22.18
C GLY D 7 9.51 6.46 -21.41
N ASP D 8 9.59 7.12 -20.24
CA ASP D 8 10.79 7.08 -19.43
C ASP D 8 11.03 5.62 -19.02
N ARG D 9 12.15 5.35 -18.34
CA ARG D 9 12.44 3.99 -17.90
C ARG D 9 11.42 3.54 -16.87
N ALA D 10 10.93 2.31 -17.00
CA ALA D 10 9.96 1.78 -16.05
C ALA D 10 10.66 1.03 -14.91
N THR D 11 10.18 1.25 -13.69
CA THR D 11 10.76 0.60 -12.51
C THR D 11 9.91 -0.60 -12.09
N GLY D 12 9.07 -1.06 -13.00
CA GLY D 12 8.21 -2.18 -12.69
C GLY D 12 6.76 -1.82 -12.91
N LYS D 13 5.87 -2.73 -12.54
CA LYS D 13 4.45 -2.50 -12.69
C LYS D 13 3.99 -1.67 -11.50
N HIS D 14 3.15 -0.68 -11.75
CA HIS D 14 2.64 0.17 -10.69
C HIS D 14 1.16 0.44 -10.90
N TYR D 15 0.35 0.09 -9.90
CA TYR D 15 -1.09 0.28 -9.93
C TYR D 15 -1.75 -0.39 -11.13
N GLY D 16 -1.04 -1.33 -11.74
CA GLY D 16 -1.58 -2.06 -12.88
C GLY D 16 -0.88 -1.86 -14.21
N ALA D 17 0.04 -0.91 -14.28
CA ALA D 17 0.75 -0.66 -15.53
C ALA D 17 2.25 -0.45 -15.35
N SER D 18 2.99 -0.77 -16.39
CA SER D 18 4.44 -0.61 -16.37
C SER D 18 4.68 0.89 -16.37
N SER D 19 5.42 1.38 -15.37
CA SER D 19 5.66 2.80 -15.28
C SER D 19 6.86 3.20 -14.44
N CYS D 20 7.29 4.45 -14.60
CA CYS D 20 8.42 5.01 -13.87
C CYS D 20 7.96 5.43 -12.48
N ASP D 21 8.89 5.89 -11.66
CA ASP D 21 8.56 6.33 -10.31
C ASP D 21 7.81 7.65 -10.31
N GLY D 22 8.03 8.46 -11.34
CA GLY D 22 7.34 9.74 -11.41
C GLY D 22 5.85 9.55 -11.65
N CYS D 23 5.50 8.73 -12.64
CA CYS D 23 4.11 8.49 -12.95
C CYS D 23 3.47 7.68 -11.81
N LYS D 24 4.25 6.80 -11.20
CA LYS D 24 3.79 6.00 -10.08
C LYS D 24 3.34 6.98 -8.98
N GLY D 25 4.24 7.89 -8.61
CA GLY D 25 3.93 8.87 -7.59
C GLY D 25 2.78 9.78 -7.95
N PHE D 26 2.76 10.25 -9.19
CA PHE D 26 1.71 11.15 -9.65
C PHE D 26 0.34 10.51 -9.48
N PHE D 27 0.20 9.27 -9.98
CA PHE D 27 -1.08 8.58 -9.89
C PHE D 27 -1.56 8.46 -8.45
N ARG D 28 -0.68 7.98 -7.57
CA ARG D 28 -1.05 7.82 -6.17
C ARG D 28 -1.60 9.10 -5.58
N ARG D 29 -0.85 10.20 -5.72
CA ARG D 29 -1.30 11.48 -5.17
C ARG D 29 -2.61 11.93 -5.80
N SER D 30 -2.74 11.76 -7.11
CA SER D 30 -3.95 12.15 -7.82
C SER D 30 -5.18 11.44 -7.27
N VAL D 31 -5.03 10.16 -6.97
CA VAL D 31 -6.13 9.36 -6.45
C VAL D 31 -6.41 9.65 -4.98
N ARG D 32 -5.37 9.70 -4.16
CA ARG D 32 -5.56 9.94 -2.74
C ARG D 32 -6.14 11.31 -2.41
N LYS D 33 -5.82 12.33 -3.20
CA LYS D 33 -6.34 13.66 -2.93
C LYS D 33 -7.54 13.93 -3.83
N ASN D 34 -7.90 12.93 -4.62
CA ASN D 34 -9.03 13.05 -5.54
C ASN D 34 -9.00 14.40 -6.23
N HIS D 35 -7.87 14.71 -6.86
CA HIS D 35 -7.70 15.96 -7.58
C HIS D 35 -8.50 15.96 -8.88
N MET D 36 -9.15 17.08 -9.18
CA MET D 36 -9.91 17.20 -10.41
C MET D 36 -9.18 18.17 -11.34
N TYR D 37 -8.23 17.62 -12.09
CA TYR D 37 -7.43 18.41 -13.02
C TYR D 37 -8.27 18.84 -14.21
N SER D 38 -7.73 19.77 -14.98
CA SER D 38 -8.39 20.28 -16.17
C SER D 38 -7.31 20.54 -17.21
N CYS D 39 -7.69 20.55 -18.48
CA CYS D 39 -6.72 20.79 -19.55
C CYS D 39 -6.97 22.14 -20.22
N ARG D 40 -5.94 22.98 -20.24
CA ARG D 40 -6.03 24.30 -20.86
C ARG D 40 -6.19 24.20 -22.37
N PHE D 41 -5.64 23.13 -22.94
CA PHE D 41 -5.70 22.93 -24.39
C PHE D 41 -6.86 22.06 -24.87
N SER D 42 -6.55 21.14 -25.78
CA SER D 42 -7.57 20.26 -26.35
C SER D 42 -7.69 18.89 -25.70
N ARG D 43 -7.02 18.69 -24.56
CA ARG D 43 -7.08 17.41 -23.86
C ARG D 43 -6.47 16.29 -24.70
N GLN D 44 -5.51 16.66 -25.54
CA GLN D 44 -4.81 15.72 -26.39
C GLN D 44 -3.31 15.96 -26.28
N CYS D 45 -2.91 16.53 -25.14
CA CYS D 45 -1.52 16.85 -24.89
C CYS D 45 -0.64 15.60 -24.98
N VAL D 46 0.55 15.78 -25.51
CA VAL D 46 1.50 14.69 -25.65
C VAL D 46 2.15 14.47 -24.29
N VAL D 47 2.09 13.25 -23.79
CA VAL D 47 2.69 12.94 -22.49
C VAL D 47 3.94 12.09 -22.64
N ASP D 48 5.10 12.72 -22.47
CA ASP D 48 6.37 12.02 -22.56
C ASP D 48 7.25 12.44 -21.37
N LYS D 49 8.41 11.81 -21.26
CA LYS D 49 9.35 12.09 -20.18
C LYS D 49 9.58 13.59 -20.06
N ASP D 50 9.59 14.24 -21.21
CA ASP D 50 9.85 15.67 -21.31
C ASP D 50 8.69 16.59 -20.92
N LYS D 51 7.49 16.29 -21.39
CA LYS D 51 6.33 17.12 -21.12
C LYS D 51 5.36 16.62 -20.05
N ARG D 52 5.61 15.43 -19.51
CA ARG D 52 4.70 14.85 -18.53
C ARG D 52 4.14 15.78 -17.46
N ASN D 53 4.96 16.71 -16.98
CA ASN D 53 4.52 17.66 -15.94
C ASN D 53 3.83 18.90 -16.49
N GLN D 54 3.65 18.96 -17.80
CA GLN D 54 3.01 20.13 -18.41
C GLN D 54 1.49 20.16 -18.24
N CYS D 55 0.85 19.00 -18.30
CA CYS D 55 -0.61 18.94 -18.15
C CYS D 55 -1.05 17.77 -17.28
N ARG D 56 -1.39 18.06 -16.04
CA ARG D 56 -1.82 17.03 -15.10
C ARG D 56 -3.06 16.28 -15.58
N TYR D 57 -3.98 16.98 -16.24
CA TYR D 57 -5.20 16.35 -16.74
C TYR D 57 -4.88 15.23 -17.72
N CYS D 58 -4.02 15.54 -18.69
CA CYS D 58 -3.69 14.54 -19.68
C CYS D 58 -2.79 13.42 -19.14
N ARG D 59 -1.90 13.73 -18.20
CA ARG D 59 -1.07 12.66 -17.64
C ARG D 59 -1.94 11.67 -16.88
N LEU D 60 -2.91 12.17 -16.12
CA LEU D 60 -3.80 11.27 -15.39
C LEU D 60 -4.63 10.47 -16.39
N LYS D 61 -5.11 11.13 -17.43
CA LYS D 61 -5.91 10.45 -18.44
C LYS D 61 -5.09 9.32 -19.06
N LYS D 62 -3.82 9.59 -19.32
CA LYS D 62 -2.93 8.59 -19.89
C LYS D 62 -2.73 7.45 -18.91
N CYS D 63 -2.59 7.78 -17.62
CA CYS D 63 -2.39 6.77 -16.60
C CYS D 63 -3.52 5.73 -16.62
N PHE D 64 -4.76 6.20 -16.65
CA PHE D 64 -5.91 5.30 -16.67
C PHE D 64 -5.97 4.52 -17.98
N ARG D 65 -5.64 5.18 -19.09
CA ARG D 65 -5.67 4.53 -20.39
C ARG D 65 -4.59 3.45 -20.45
N ALA D 66 -3.48 3.68 -19.75
CA ALA D 66 -2.38 2.73 -19.73
C ALA D 66 -2.65 1.52 -18.84
N GLY D 67 -3.70 1.58 -18.03
CA GLY D 67 -4.02 0.47 -17.17
C GLY D 67 -3.98 0.68 -15.66
N MET D 68 -3.53 1.85 -15.21
CA MET D 68 -3.48 2.11 -13.77
C MET D 68 -4.89 2.06 -13.17
N LYS D 69 -5.02 1.45 -12.01
CA LYS D 69 -6.33 1.33 -11.36
C LYS D 69 -6.42 2.08 -10.04
N LYS D 70 -7.51 2.82 -9.88
CA LYS D 70 -7.75 3.60 -8.67
C LYS D 70 -7.78 2.66 -7.46
N GLU D 71 -8.39 1.50 -7.62
CA GLU D 71 -8.49 0.53 -6.54
C GLU D 71 -7.15 0.04 -5.98
N ALA D 72 -6.10 0.10 -6.79
CA ALA D 72 -4.78 -0.35 -6.37
C ALA D 72 -4.08 0.63 -5.41
N VAL D 73 -4.57 1.85 -5.34
CA VAL D 73 -4.00 2.85 -4.45
C VAL D 73 -4.59 2.67 -3.04
N GLN D 74 -3.73 2.44 -2.07
CA GLN D 74 -4.15 2.24 -0.70
C GLN D 74 -4.24 3.55 0.07
N ASN D 75 -4.82 3.51 1.27
CA ASN D 75 -4.95 4.73 2.08
C ASN D 75 -3.62 5.09 2.71
N GLU D 76 -3.41 6.39 2.93
CA GLU D 76 -2.17 6.83 3.56
C GLU D 76 -2.13 6.25 4.95
N ARG D 77 -0.93 6.02 5.47
CA ARG D 77 -0.72 5.47 6.80
C ARG D 77 0.47 6.15 7.43
N ASP D 78 0.80 5.76 8.66
CA ASP D 78 1.94 6.34 9.35
C ASP D 78 3.25 5.72 8.88
ZN ZN E . -4.50 -11.05 9.97
ZN ZN F . -3.30 2.43 17.62
ZN ZN G . 6.25 7.73 -16.60
ZN ZN H . -3.77 18.41 -21.61
#